data_2W61
#
_entry.id   2W61
#
_cell.length_a   51.883
_cell.length_b   64.479
_cell.length_c   152.038
_cell.angle_alpha   90.00
_cell.angle_beta   90.00
_cell.angle_gamma   90.00
#
_symmetry.space_group_name_H-M   'P 21 21 21'
#
loop_
_entity.id
_entity.type
_entity.pdbx_description
1 polymer 'GLYCOLIPID-ANCHORED SURFACE PROTEIN 2'
2 water water
#
_entity_poly.entity_id   1
_entity_poly.type   'polypeptide(L)'
_entity_poly.pdbx_seq_one_letter_code
;MNKKQNFYAAIIVAIFLCLQLSHGSSGVSFEKTPAIKIVGNKFFDSESGEQFFIKGIAYQLQRSEEELSNANGAFETSYI
DALADPKICLRDIPFLKMLGVNTLRVYAIDPTKSHDICMEALSAEGMYVLLDLSEPDISINRENPSWDVHIFERYKSVID
AMSSFPNLLGYFAGNQVTNDHTNTFASPFVKAAIRDAKEYISHSNHRKIPVGYSTNDDAMTRDNLARYFVCGDVKADFYG
INMYEWCGYSTYGTSGYRERTKEFEGYPIPVFFSEFGCNLVRPRPFTEVSALYGNKMSSVWSGGLAYMYFEEENEYGVVK
INDNDGVDILPDFKNLKKEFAKADPKGITEEEYLTAKEPTEVESVECPHIAVGVWEANEKLPETPDRSKCACLDEILPCE
IVPFGAESGKYEEYFSYLCSKVDCSDILANGKTGEYGEFSDCSVEQKLSLQLSKLYCKIGANDRHCPLNDKNVYFNLESL
QPLTSESICKNVFDSIRNITYNHGDYSKSNPSRSKESLNVKYPSSEERENDGTIAFKTSGFVILLISMIAAGILL
;
_entity_poly.pdbx_strand_id   A
#
# COMPACT_ATOMS: atom_id res chain seq x y z
N GLY A 27 -11.34 27.70 -11.06
CA GLY A 27 -11.85 26.54 -10.23
C GLY A 27 -12.32 27.03 -8.89
N VAL A 28 -13.59 26.80 -8.58
CA VAL A 28 -14.21 27.37 -7.37
C VAL A 28 -14.23 26.37 -6.21
N SER A 29 -14.54 25.12 -6.53
CA SER A 29 -14.53 24.06 -5.53
C SER A 29 -13.83 22.84 -6.17
N PHE A 30 -14.56 21.74 -6.41
CA PHE A 30 -13.98 20.52 -7.01
C PHE A 30 -14.54 20.19 -8.41
N GLU A 31 -15.24 21.16 -9.01
CA GLU A 31 -15.94 20.90 -10.30
C GLU A 31 -15.02 20.66 -11.48
N LYS A 32 -13.77 21.09 -11.38
CA LYS A 32 -12.81 20.86 -12.47
C LYS A 32 -12.29 19.43 -12.47
N THR A 33 -12.64 18.67 -11.44
CA THR A 33 -12.26 17.26 -11.41
C THR A 33 -13.44 16.38 -11.08
N PRO A 34 -14.22 16.00 -12.11
CA PRO A 34 -15.27 14.99 -11.91
C PRO A 34 -14.63 13.69 -11.45
N ALA A 35 -15.34 12.94 -10.61
CA ALA A 35 -14.81 11.63 -10.19
C ALA A 35 -14.54 10.75 -11.40
N ILE A 36 -13.44 10.02 -11.35
CA ILE A 36 -13.13 9.03 -12.39
C ILE A 36 -13.66 7.67 -11.94
N LYS A 37 -14.32 6.96 -12.85
CA LYS A 37 -14.79 5.59 -12.55
C LYS A 37 -14.04 4.56 -13.40
N ILE A 38 -14.11 3.30 -12.99
CA ILE A 38 -13.55 2.22 -13.79
C ILE A 38 -14.67 1.42 -14.46
N VAL A 39 -14.51 1.18 -15.75
CA VAL A 39 -15.40 0.29 -16.46
C VAL A 39 -14.51 -0.66 -17.26
N GLY A 40 -14.64 -1.96 -16.98
CA GLY A 40 -13.73 -2.96 -17.57
C GLY A 40 -12.26 -2.58 -17.32
N ASN A 41 -11.49 -2.47 -18.40
CA ASN A 41 -10.07 -2.17 -18.23
C ASN A 41 -9.64 -0.75 -18.58
N LYS A 42 -10.59 0.19 -18.45
CA LYS A 42 -10.28 1.59 -18.71
C LYS A 42 -10.87 2.48 -17.60
N PHE A 43 -10.30 3.67 -17.45
CA PHE A 43 -10.84 4.71 -16.57
C PHE A 43 -11.69 5.69 -17.40
N PHE A 44 -12.80 6.17 -16.85
CA PHE A 44 -13.65 7.14 -17.57
C PHE A 44 -14.03 8.27 -16.66
N ASP A 45 -14.06 9.49 -17.21
CA ASP A 45 -14.64 10.65 -16.53
C ASP A 45 -16.14 10.36 -16.29
N SER A 46 -16.60 10.42 -15.02
CA SER A 46 -17.98 10.04 -14.70
C SER A 46 -19.03 10.99 -15.23
N GLU A 47 -18.60 12.17 -15.64
CA GLU A 47 -19.54 13.18 -16.15
C GLU A 47 -19.61 13.15 -17.67
N SER A 48 -18.46 13.17 -18.32
CA SER A 48 -18.40 13.26 -19.81
C SER A 48 -18.44 11.90 -20.50
N GLY A 49 -17.97 10.87 -19.80
CA GLY A 49 -17.81 9.54 -20.40
C GLY A 49 -16.56 9.38 -21.24
N GLU A 50 -15.73 10.42 -21.31
CA GLU A 50 -14.47 10.32 -22.06
C GLU A 50 -13.46 9.48 -21.30
N GLN A 51 -12.62 8.74 -22.02
CA GLN A 51 -11.59 7.96 -21.35
C GLN A 51 -10.62 8.88 -20.64
N PHE A 52 -10.16 8.45 -19.47
CA PHE A 52 -9.19 9.19 -18.66
C PHE A 52 -7.84 8.53 -18.74
N PHE A 53 -6.82 9.31 -19.14
CA PHE A 53 -5.42 8.86 -19.14
C PHE A 53 -4.63 9.61 -18.10
N ILE A 54 -3.82 8.86 -17.33
CA ILE A 54 -3.00 9.44 -16.28
C ILE A 54 -1.74 10.04 -16.91
N LYS A 55 -1.51 11.33 -16.65
CA LYS A 55 -0.24 11.99 -16.97
C LYS A 55 0.29 12.48 -15.64
N GLY A 56 1.14 11.69 -14.98
CA GLY A 56 1.42 11.96 -13.58
C GLY A 56 2.86 12.14 -13.16
N ILE A 57 3.02 12.47 -11.87
CA ILE A 57 4.34 12.49 -11.25
C ILE A 57 4.23 12.10 -9.77
N ALA A 58 5.23 11.39 -9.27
CA ALA A 58 5.28 11.05 -7.86
C ALA A 58 5.60 12.31 -7.05
N TYR A 59 4.84 12.52 -5.97
CA TYR A 59 4.97 13.73 -5.17
C TYR A 59 5.03 13.38 -3.67
N GLN A 60 6.26 13.31 -3.13
CA GLN A 60 6.45 12.91 -1.74
C GLN A 60 7.81 13.44 -1.29
N LEU A 61 7.79 14.26 -0.22
CA LEU A 61 8.99 14.97 0.25
C LEU A 61 9.58 14.29 1.45
N GLN A 62 10.88 14.02 1.40
CA GLN A 62 11.57 13.38 2.50
C GLN A 62 12.17 14.47 3.41
N ARG A 63 12.25 14.19 4.71
CA ARG A 63 12.96 15.07 5.61
C ARG A 63 14.47 14.98 5.36
N SER A 64 15.19 16.11 5.38
CA SER A 64 14.60 17.44 5.24
C SER A 64 15.56 18.40 4.54
N ALA A 71 13.05 15.41 13.99
CA ALA A 71 11.61 15.17 14.00
C ALA A 71 11.25 13.98 14.88
N ASN A 72 12.04 12.91 14.77
CA ASN A 72 11.84 11.73 15.62
C ASN A 72 11.95 12.05 17.10
N GLY A 73 12.95 12.85 17.46
CA GLY A 73 13.16 13.23 18.85
C GLY A 73 12.03 14.09 19.39
N ALA A 74 11.34 14.80 18.49
CA ALA A 74 10.23 15.66 18.89
C ALA A 74 8.89 15.01 18.65
N PHE A 75 8.93 13.75 18.19
CA PHE A 75 7.74 12.91 18.02
C PHE A 75 6.88 13.27 16.81
N GLU A 76 7.48 14.02 15.88
CA GLU A 76 6.79 14.28 14.61
C GLU A 76 6.83 13.04 13.71
N THR A 77 5.97 13.01 12.70
CA THR A 77 5.96 11.90 11.76
C THR A 77 7.33 11.82 11.07
N SER A 78 7.79 10.60 10.82
CA SER A 78 9.06 10.40 10.12
CA SER A 78 9.07 10.44 10.14
C SER A 78 8.93 10.88 8.68
N TYR A 79 7.75 10.67 8.11
CA TYR A 79 7.42 11.15 6.76
C TYR A 79 6.88 12.58 6.80
N ILE A 80 6.91 13.27 5.66
CA ILE A 80 6.28 14.60 5.54
C ILE A 80 5.03 14.43 4.71
N ASP A 81 3.91 14.99 5.18
CA ASP A 81 2.67 15.02 4.42
C ASP A 81 2.50 16.39 3.76
N ALA A 82 3.03 16.51 2.54
CA ALA A 82 2.98 17.80 1.82
C ALA A 82 1.56 18.23 1.54
N LEU A 83 0.64 17.26 1.42
CA LEU A 83 -0.77 17.59 1.17
C LEU A 83 -1.52 18.14 2.38
N ALA A 84 -0.86 18.11 3.54
CA ALA A 84 -1.42 18.70 4.74
C ALA A 84 -0.73 20.01 5.14
N ASP A 85 0.12 20.54 4.25
CA ASP A 85 0.87 21.77 4.51
C ASP A 85 0.73 22.70 3.32
N PRO A 86 -0.23 23.63 3.37
CA PRO A 86 -0.41 24.58 2.27
C PRO A 86 0.84 25.33 1.84
N LYS A 87 1.73 25.63 2.79
CA LYS A 87 2.99 26.28 2.45
C LYS A 87 3.75 25.50 1.37
N ILE A 88 3.75 24.17 1.49
CA ILE A 88 4.46 23.30 0.55
C ILE A 88 3.66 23.05 -0.72
N CYS A 89 2.43 22.55 -0.58
CA CYS A 89 1.64 22.21 -1.77
C CYS A 89 1.35 23.44 -2.63
N LEU A 90 1.11 24.62 -2.02
CA LEU A 90 0.79 25.81 -2.82
C LEU A 90 2.02 26.40 -3.53
N ARG A 91 3.21 26.07 -3.01
CA ARG A 91 4.46 26.36 -3.71
C ARG A 91 4.58 25.51 -4.96
N ASP A 92 4.27 24.22 -4.82
CA ASP A 92 4.57 23.26 -5.88
C ASP A 92 3.52 23.17 -6.98
N ILE A 93 2.25 23.41 -6.65
CA ILE A 93 1.20 23.25 -7.66
C ILE A 93 1.46 24.09 -8.95
N PRO A 94 1.87 25.36 -8.84
CA PRO A 94 2.22 26.08 -10.08
C PRO A 94 3.26 25.38 -10.95
N PHE A 95 4.26 24.76 -10.33
CA PHE A 95 5.26 24.00 -11.10
C PHE A 95 4.69 22.70 -11.68
N LEU A 96 3.83 22.02 -10.91
CA LEU A 96 3.16 20.84 -11.42
C LEU A 96 2.28 21.20 -12.64
N LYS A 97 1.66 22.38 -12.59
CA LYS A 97 0.84 22.86 -13.69
C LYS A 97 1.72 23.12 -14.92
N MET A 98 2.87 23.75 -14.72
CA MET A 98 3.82 23.99 -15.84
C MET A 98 4.20 22.67 -16.49
N LEU A 99 4.40 21.66 -15.65
CA LEU A 99 4.84 20.35 -16.11
C LEU A 99 3.78 19.68 -16.98
N GLY A 100 2.51 19.95 -16.66
CA GLY A 100 1.39 19.45 -17.43
C GLY A 100 0.76 18.18 -16.91
N VAL A 101 0.97 17.89 -15.63
CA VAL A 101 0.41 16.67 -15.06
C VAL A 101 -1.07 16.84 -14.69
N ASN A 102 -1.81 15.72 -14.74
CA ASN A 102 -3.18 15.68 -14.20
C ASN A 102 -3.30 14.73 -13.00
N THR A 103 -2.19 14.09 -12.57
CA THR A 103 -2.26 13.15 -11.44
C THR A 103 -0.95 13.17 -10.64
N LEU A 104 -1.06 13.05 -9.32
CA LEU A 104 0.11 12.82 -8.47
C LEU A 104 0.00 11.44 -7.85
N ARG A 105 1.16 10.80 -7.64
CA ARG A 105 1.17 9.65 -6.74
CA ARG A 105 1.29 9.59 -6.79
C ARG A 105 1.81 10.02 -5.43
N VAL A 106 1.06 9.73 -4.37
CA VAL A 106 1.48 10.10 -3.02
C VAL A 106 1.66 8.80 -2.24
N TYR A 107 2.78 8.67 -1.54
CA TYR A 107 3.07 7.43 -0.80
C TYR A 107 2.66 7.43 0.67
N ALA A 108 2.54 8.61 1.28
CA ALA A 108 2.20 8.65 2.72
C ALA A 108 1.57 9.96 3.09
N ILE A 109 0.37 9.87 3.69
CA ILE A 109 -0.28 11.02 4.33
C ILE A 109 -0.40 10.78 5.82
N ASP A 110 -0.60 11.88 6.54
CA ASP A 110 -0.91 11.82 7.97
C ASP A 110 -2.42 12.00 8.09
N PRO A 111 -3.14 10.91 8.41
CA PRO A 111 -4.60 11.03 8.40
C PRO A 111 -5.19 11.87 9.54
N THR A 112 -4.36 12.28 10.49
CA THR A 112 -4.85 13.13 11.58
C THR A 112 -4.97 14.61 11.19
N LYS A 113 -4.41 14.95 10.03
CA LYS A 113 -4.38 16.34 9.56
C LYS A 113 -5.40 16.58 8.44
N SER A 114 -5.76 17.85 8.27
CA SER A 114 -6.68 18.24 7.20
C SER A 114 -5.95 18.22 5.85
N HIS A 115 -6.71 17.89 4.80
CA HIS A 115 -6.17 17.90 3.42
C HIS A 115 -7.03 18.72 2.47
N ASP A 116 -8.03 19.42 3.02
CA ASP A 116 -8.99 20.15 2.15
C ASP A 116 -8.30 21.20 1.28
N ILE A 117 -7.39 21.98 1.86
CA ILE A 117 -6.81 23.09 1.07
C ILE A 117 -6.00 22.54 -0.10
N CYS A 118 -5.10 21.60 0.18
CA CYS A 118 -4.26 21.10 -0.91
C CYS A 118 -5.04 20.27 -1.93
N MET A 119 -6.01 19.48 -1.48
CA MET A 119 -6.76 18.67 -2.44
C MET A 119 -7.62 19.56 -3.33
N GLU A 120 -8.17 20.64 -2.77
CA GLU A 120 -8.98 21.54 -3.60
C GLU A 120 -8.08 22.33 -4.53
N ALA A 121 -6.89 22.74 -4.06
CA ALA A 121 -6.00 23.47 -4.94
C ALA A 121 -5.53 22.60 -6.12
N LEU A 122 -5.34 21.30 -5.85
CA LEU A 122 -5.04 20.36 -6.93
C LEU A 122 -6.24 20.26 -7.88
N SER A 123 -7.42 20.09 -7.31
CA SER A 123 -8.63 19.97 -8.14
C SER A 123 -8.81 21.19 -9.03
N ALA A 124 -8.52 22.37 -8.52
CA ALA A 124 -8.71 23.63 -9.29
C ALA A 124 -7.86 23.65 -10.55
N GLU A 125 -6.76 22.88 -10.53
CA GLU A 125 -5.87 22.75 -11.70
C GLU A 125 -6.07 21.43 -12.45
N GLY A 126 -7.18 20.74 -12.17
CA GLY A 126 -7.53 19.52 -12.89
C GLY A 126 -6.68 18.32 -12.48
N MET A 127 -6.17 18.35 -11.24
CA MET A 127 -5.25 17.27 -10.80
C MET A 127 -5.89 16.32 -9.81
N TYR A 128 -5.60 15.04 -10.03
CA TYR A 128 -6.09 13.91 -9.22
C TYR A 128 -4.95 13.34 -8.40
N VAL A 129 -5.28 12.46 -7.43
CA VAL A 129 -4.26 11.80 -6.56
C VAL A 129 -4.49 10.30 -6.48
N LEU A 130 -3.41 9.54 -6.71
CA LEU A 130 -3.33 8.10 -6.41
C LEU A 130 -2.56 7.98 -5.11
N LEU A 131 -3.08 7.24 -4.12
CA LEU A 131 -2.51 7.32 -2.79
C LEU A 131 -2.33 5.93 -2.19
N ASP A 132 -1.12 5.66 -1.70
CA ASP A 132 -0.90 4.42 -0.89
C ASP A 132 -1.61 4.56 0.46
N LEU A 133 -2.07 3.42 0.98
CA LEU A 133 -2.74 3.37 2.28
C LEU A 133 -1.74 3.20 3.43
N SER A 134 -0.57 2.65 3.10
CA SER A 134 0.48 2.40 4.09
C SER A 134 1.28 3.67 4.43
N GLU A 135 2.16 3.53 5.40
CA GLU A 135 3.24 4.51 5.59
C GLU A 135 4.51 3.69 5.81
N PRO A 136 5.70 4.33 5.73
CA PRO A 136 6.93 3.53 5.75
C PRO A 136 7.00 2.57 6.93
N ASP A 137 6.46 2.95 8.09
CA ASP A 137 6.54 2.09 9.26
C ASP A 137 5.29 1.28 9.58
N ILE A 138 4.29 1.38 8.70
CA ILE A 138 3.09 0.55 8.86
C ILE A 138 2.73 0.05 7.48
N SER A 139 3.32 -1.08 7.11
CA SER A 139 3.08 -1.66 5.80
C SER A 139 3.21 -3.16 5.94
N ILE A 140 2.73 -3.88 4.94
CA ILE A 140 2.87 -5.34 4.97
C ILE A 140 4.34 -5.68 4.80
N ASN A 141 4.86 -6.48 5.72
CA ASN A 141 6.30 -6.75 5.80
C ASN A 141 6.66 -7.93 4.90
N ARG A 142 7.36 -7.70 3.78
CA ARG A 142 7.61 -8.78 2.84
C ARG A 142 8.49 -9.91 3.43
N GLU A 143 9.26 -9.56 4.46
CA GLU A 143 10.20 -10.45 5.15
C GLU A 143 9.54 -11.30 6.22
N ASN A 144 8.32 -10.95 6.60
CA ASN A 144 7.55 -11.73 7.59
C ASN A 144 6.13 -11.21 7.54
N PRO A 145 5.43 -11.54 6.46
CA PRO A 145 4.13 -10.91 6.24
C PRO A 145 3.01 -11.35 7.17
N SER A 146 2.18 -10.37 7.51
CA SER A 146 0.96 -10.59 8.26
CA SER A 146 0.95 -10.62 8.23
C SER A 146 -0.07 -9.59 7.79
N TRP A 147 -1.33 -9.95 7.91
CA TRP A 147 -2.43 -9.00 7.66
C TRP A 147 -3.17 -8.89 8.98
N ASP A 148 -2.97 -7.76 9.64
CA ASP A 148 -3.30 -7.64 11.06
C ASP A 148 -4.07 -6.38 11.42
N VAL A 149 -4.53 -6.33 12.67
CA VAL A 149 -5.40 -5.24 13.11
C VAL A 149 -4.71 -3.88 13.03
N HIS A 150 -3.39 -3.83 13.20
CA HIS A 150 -2.66 -2.56 13.19
C HIS A 150 -2.57 -1.95 11.78
N ILE A 151 -2.21 -2.79 10.79
CA ILE A 151 -2.13 -2.29 9.43
C ILE A 151 -3.53 -1.95 8.92
N PHE A 152 -4.52 -2.79 9.24
CA PHE A 152 -5.88 -2.54 8.79
C PHE A 152 -6.39 -1.21 9.36
N GLU A 153 -6.14 -0.96 10.66
CA GLU A 153 -6.50 0.35 11.26
C GLU A 153 -5.87 1.53 10.51
N ARG A 154 -4.60 1.39 10.14
CA ARG A 154 -3.89 2.41 9.35
C ARG A 154 -4.64 2.65 8.04
N TYR A 155 -4.98 1.55 7.34
CA TYR A 155 -5.67 1.69 6.03
C TYR A 155 -7.02 2.40 6.17
N LYS A 156 -7.81 1.99 7.16
CA LYS A 156 -9.10 2.63 7.40
C LYS A 156 -8.93 4.11 7.73
N SER A 157 -7.89 4.47 8.49
CA SER A 157 -7.70 5.88 8.84
C SER A 157 -7.46 6.72 7.60
N VAL A 158 -6.69 6.17 6.66
CA VAL A 158 -6.40 6.89 5.42
C VAL A 158 -7.67 7.00 4.59
N ILE A 159 -8.40 5.90 4.46
CA ILE A 159 -9.65 5.93 3.71
C ILE A 159 -10.61 6.98 4.29
N ASP A 160 -10.72 7.05 5.61
CA ASP A 160 -11.63 8.00 6.21
C ASP A 160 -11.17 9.46 6.06
N ALA A 161 -9.86 9.66 6.01
CA ALA A 161 -9.31 11.01 5.83
C ALA A 161 -9.43 11.56 4.40
N MET A 162 -9.44 10.67 3.41
CA MET A 162 -9.24 11.12 2.02
C MET A 162 -10.41 10.84 1.08
N SER A 163 -11.44 10.15 1.54
CA SER A 163 -12.45 9.67 0.57
C SER A 163 -13.50 10.72 0.17
N SER A 164 -13.55 11.83 0.90
CA SER A 164 -14.47 12.92 0.55
C SER A 164 -14.10 13.67 -0.74
N PHE A 165 -12.89 13.43 -1.25
CA PHE A 165 -12.37 14.26 -2.36
C PHE A 165 -12.64 13.59 -3.70
N PRO A 166 -13.44 14.25 -4.59
CA PRO A 166 -13.75 13.64 -5.89
C PRO A 166 -12.51 13.36 -6.73
N ASN A 167 -11.41 14.04 -6.41
CA ASN A 167 -10.18 13.88 -7.17
C ASN A 167 -9.20 12.87 -6.58
N LEU A 168 -9.70 12.07 -5.61
CA LEU A 168 -8.97 10.91 -5.14
C LEU A 168 -9.23 9.80 -6.17
N LEU A 169 -8.24 9.55 -7.01
CA LEU A 169 -8.42 8.61 -8.14
C LEU A 169 -8.51 7.17 -7.67
N GLY A 170 -7.60 6.78 -6.79
CA GLY A 170 -7.64 5.39 -6.30
C GLY A 170 -6.67 5.22 -5.15
N TYR A 171 -6.82 4.13 -4.41
CA TYR A 171 -5.89 3.78 -3.33
C TYR A 171 -5.05 2.56 -3.70
N PHE A 172 -3.76 2.59 -3.35
CA PHE A 172 -2.93 1.37 -3.46
C PHE A 172 -2.92 0.64 -2.11
N ALA A 173 -3.28 -0.64 -2.14
CA ALA A 173 -3.24 -1.47 -0.93
C ALA A 173 -1.89 -2.13 -0.70
N GLY A 174 -0.97 -1.96 -1.64
CA GLY A 174 0.39 -2.48 -1.50
C GLY A 174 1.25 -1.88 -2.59
N ASN A 175 2.57 -1.85 -2.37
CA ASN A 175 3.50 -1.38 -3.37
C ASN A 175 4.76 -2.26 -3.44
N GLN A 176 4.84 -3.12 -4.42
CA GLN A 176 5.94 -4.04 -4.50
C GLN A 176 6.24 -4.79 -3.23
N VAL A 177 5.21 -5.51 -2.77
CA VAL A 177 5.39 -6.24 -1.52
C VAL A 177 6.21 -7.51 -1.74
N THR A 178 5.66 -8.44 -2.52
CA THR A 178 6.47 -9.42 -3.24
C THR A 178 7.35 -8.63 -4.22
N ASN A 179 8.64 -8.94 -4.24
CA ASN A 179 9.53 -8.32 -5.21
C ASN A 179 10.44 -9.28 -5.95
N ASP A 180 10.46 -10.53 -5.54
CA ASP A 180 11.22 -11.57 -6.28
C ASP A 180 10.70 -12.94 -5.91
N HIS A 181 11.34 -13.98 -6.44
CA HIS A 181 10.81 -15.33 -6.30
C HIS A 181 10.92 -15.88 -4.88
N THR A 182 11.58 -15.15 -4.01
CA THR A 182 11.80 -15.59 -2.62
C THR A 182 10.74 -15.10 -1.62
N ASN A 183 9.82 -14.22 -2.05
CA ASN A 183 8.83 -13.69 -1.10
C ASN A 183 7.43 -13.57 -1.73
N THR A 184 7.14 -14.51 -2.63
CA THR A 184 5.83 -14.53 -3.30
C THR A 184 4.69 -14.79 -2.35
N PHE A 185 5.00 -15.45 -1.24
CA PHE A 185 4.00 -15.73 -0.20
C PHE A 185 3.51 -14.50 0.57
N ALA A 186 4.10 -13.32 0.32
CA ALA A 186 3.53 -12.07 0.86
C ALA A 186 2.23 -11.64 0.12
N SER A 187 2.08 -12.12 -1.13
CA SER A 187 0.97 -11.65 -1.97
C SER A 187 -0.45 -11.97 -1.46
N PRO A 188 -0.68 -13.15 -0.85
CA PRO A 188 -2.02 -13.38 -0.27
C PRO A 188 -2.41 -12.34 0.79
N PHE A 189 -1.43 -11.84 1.51
CA PHE A 189 -1.68 -10.86 2.56
C PHE A 189 -2.15 -9.55 1.94
N VAL A 190 -1.55 -9.19 0.79
CA VAL A 190 -1.94 -8.02 0.06
C VAL A 190 -3.33 -8.18 -0.54
N LYS A 191 -3.64 -9.36 -1.08
CA LYS A 191 -5.01 -9.55 -1.57
C LYS A 191 -6.06 -9.48 -0.47
N ALA A 192 -5.76 -10.02 0.71
CA ALA A 192 -6.65 -9.85 1.86
C ALA A 192 -6.87 -8.36 2.17
N ALA A 193 -5.79 -7.56 2.11
CA ALA A 193 -5.90 -6.10 2.32
C ALA A 193 -6.80 -5.44 1.28
N ILE A 194 -6.66 -5.85 0.01
CA ILE A 194 -7.53 -5.33 -1.05
C ILE A 194 -8.98 -5.66 -0.74
N ARG A 195 -9.25 -6.93 -0.42
CA ARG A 195 -10.59 -7.38 -0.09
C ARG A 195 -11.18 -6.54 1.05
N ASP A 196 -10.41 -6.41 2.12
CA ASP A 196 -10.91 -5.76 3.33
C ASP A 196 -11.08 -4.24 3.18
N ALA A 197 -10.17 -3.61 2.44
CA ALA A 197 -10.32 -2.18 2.10
C ALA A 197 -11.55 -1.94 1.22
N LYS A 198 -11.73 -2.78 0.22
CA LYS A 198 -12.94 -2.69 -0.61
C LYS A 198 -14.22 -2.87 0.20
N GLU A 199 -14.23 -3.82 1.14
CA GLU A 199 -15.44 -4.04 1.93
C GLU A 199 -15.69 -2.83 2.84
N TYR A 200 -14.63 -2.31 3.45
CA TYR A 200 -14.76 -1.13 4.33
C TYR A 200 -15.36 0.04 3.55
N ILE A 201 -14.83 0.29 2.35
CA ILE A 201 -15.36 1.34 1.46
C ILE A 201 -16.82 1.09 1.08
N SER A 202 -17.14 -0.16 0.74
CA SER A 202 -18.51 -0.50 0.37
CA SER A 202 -18.51 -0.54 0.39
C SER A 202 -19.52 -0.22 1.50
N HIS A 203 -19.15 -0.54 2.74
CA HIS A 203 -20.02 -0.34 3.89
C HIS A 203 -20.08 1.12 4.36
N SER A 204 -19.07 1.91 3.98
CA SER A 204 -19.02 3.32 4.38
C SER A 204 -19.99 4.16 3.60
N ASN A 205 -20.07 5.44 3.97
CA ASN A 205 -20.92 6.34 3.25
C ASN A 205 -20.15 7.08 2.14
N HIS A 206 -18.93 6.63 1.87
CA HIS A 206 -18.06 7.30 0.88
C HIS A 206 -18.38 6.85 -0.55
N ARG A 207 -17.99 7.66 -1.52
CA ARG A 207 -17.83 7.22 -2.90
C ARG A 207 -17.01 5.95 -2.94
N LYS A 208 -17.34 5.04 -3.86
CA LYS A 208 -16.64 3.74 -3.91
C LYS A 208 -15.34 3.85 -4.68
N ILE A 209 -14.38 4.50 -4.04
CA ILE A 209 -13.04 4.71 -4.61
C ILE A 209 -12.37 3.34 -4.84
N PRO A 210 -11.82 3.13 -6.03
CA PRO A 210 -11.19 1.82 -6.29
C PRO A 210 -9.90 1.60 -5.50
N VAL A 211 -9.59 0.32 -5.27
CA VAL A 211 -8.41 -0.09 -4.51
C VAL A 211 -7.62 -1.04 -5.39
N GLY A 212 -6.36 -0.68 -5.64
CA GLY A 212 -5.48 -1.46 -6.51
C GLY A 212 -4.14 -1.80 -5.91
N TYR A 213 -3.19 -2.11 -6.78
CA TYR A 213 -1.87 -2.57 -6.34
C TYR A 213 -0.81 -2.02 -7.27
N SER A 214 0.39 -1.74 -6.74
CA SER A 214 1.53 -1.31 -7.55
C SER A 214 2.63 -2.38 -7.43
N THR A 215 3.21 -2.81 -8.55
CA THR A 215 4.20 -3.90 -8.51
C THR A 215 5.52 -3.45 -9.11
N ASN A 216 6.58 -4.21 -8.88
CA ASN A 216 7.86 -3.95 -9.54
C ASN A 216 7.89 -4.66 -10.90
N ASP A 217 9.07 -4.91 -11.43
CA ASP A 217 9.20 -5.44 -12.79
C ASP A 217 10.28 -6.52 -12.88
N ASP A 218 10.16 -7.52 -12.00
CA ASP A 218 11.11 -8.61 -11.90
C ASP A 218 10.68 -9.68 -12.88
N ALA A 219 11.56 -10.02 -13.80
CA ALA A 219 11.20 -10.94 -14.87
C ALA A 219 10.61 -12.26 -14.41
N MET A 220 11.16 -12.84 -13.34
CA MET A 220 10.76 -14.18 -12.93
C MET A 220 9.36 -14.23 -12.30
N THR A 221 8.91 -13.12 -11.75
CA THR A 221 7.65 -13.08 -10.99
C THR A 221 6.55 -12.29 -11.68
N ARG A 222 6.88 -11.51 -12.71
CA ARG A 222 5.91 -10.52 -13.21
C ARG A 222 4.61 -11.10 -13.79
N ASP A 223 4.69 -12.21 -14.51
CA ASP A 223 3.49 -12.76 -15.13
C ASP A 223 2.60 -13.36 -14.04
N ASN A 224 3.21 -14.12 -13.13
CA ASN A 224 2.45 -14.68 -12.00
C ASN A 224 1.81 -13.64 -11.12
N LEU A 225 2.52 -12.55 -10.85
CA LEU A 225 1.93 -11.50 -10.03
C LEU A 225 0.72 -10.87 -10.73
N ALA A 226 0.85 -10.55 -12.01
CA ALA A 226 -0.31 -9.95 -12.70
C ALA A 226 -1.52 -10.89 -12.69
N ARG A 227 -1.30 -12.17 -12.90
CA ARG A 227 -2.43 -13.12 -12.92
C ARG A 227 -3.01 -13.25 -11.50
N TYR A 228 -2.12 -13.33 -10.50
CA TYR A 228 -2.56 -13.54 -9.12
C TYR A 228 -3.51 -12.44 -8.66
N PHE A 229 -3.20 -11.20 -9.02
CA PHE A 229 -4.01 -10.06 -8.54
C PHE A 229 -5.35 -9.91 -9.21
N VAL A 230 -5.64 -10.75 -10.22
CA VAL A 230 -6.99 -10.79 -10.79
C VAL A 230 -7.63 -12.17 -10.73
N CYS A 231 -6.99 -13.11 -10.01
CA CYS A 231 -7.50 -14.48 -9.95
C CYS A 231 -8.47 -14.73 -8.80
N GLY A 232 -9.28 -15.78 -8.92
CA GLY A 232 -10.13 -16.18 -7.80
C GLY A 232 -11.23 -15.15 -7.56
N ASP A 233 -11.66 -15.05 -6.29
CA ASP A 233 -12.83 -14.27 -5.91
C ASP A 233 -12.48 -12.86 -5.46
N VAL A 234 -11.20 -12.57 -5.31
CA VAL A 234 -10.75 -11.23 -4.89
C VAL A 234 -9.86 -10.67 -5.97
N LYS A 235 -10.14 -9.44 -6.41
CA LYS A 235 -9.31 -8.81 -7.46
C LYS A 235 -8.94 -7.37 -7.12
N ALA A 236 -7.70 -6.99 -7.46
CA ALA A 236 -7.33 -5.58 -7.53
C ALA A 236 -8.28 -4.88 -8.50
N ASP A 237 -8.58 -3.61 -8.23
CA ASP A 237 -9.41 -2.81 -9.16
C ASP A 237 -8.60 -2.22 -10.33
N PHE A 238 -7.29 -2.05 -10.11
CA PHE A 238 -6.39 -1.53 -11.15
C PHE A 238 -4.99 -1.95 -10.77
N TYR A 239 -4.07 -1.87 -11.72
CA TYR A 239 -2.74 -2.46 -11.54
C TYR A 239 -1.67 -1.53 -12.09
N GLY A 240 -0.80 -1.04 -11.22
CA GLY A 240 0.29 -0.17 -11.65
C GLY A 240 1.61 -0.91 -11.66
N ILE A 241 2.45 -0.66 -12.68
CA ILE A 241 3.79 -1.26 -12.72
C ILE A 241 4.85 -0.16 -12.58
N ASN A 242 5.82 -0.38 -11.69
CA ASN A 242 6.95 0.54 -11.58
C ASN A 242 7.91 0.11 -12.69
N MET A 243 7.93 0.91 -13.78
CA MET A 243 8.43 0.49 -15.08
C MET A 243 9.66 1.31 -15.49
N TYR A 244 10.82 0.68 -15.42
CA TYR A 244 12.09 1.36 -15.70
C TYR A 244 12.87 0.79 -16.88
N GLU A 245 12.19 0.04 -17.74
CA GLU A 245 12.84 -0.64 -18.88
C GLU A 245 13.41 0.28 -19.96
N TRP A 246 12.80 1.45 -20.12
CA TRP A 246 13.25 2.37 -21.17
C TRP A 246 14.25 3.34 -20.58
N CYS A 247 15.51 3.19 -20.96
CA CYS A 247 16.58 4.06 -20.47
C CYS A 247 17.18 4.89 -21.61
N GLY A 248 17.15 6.21 -21.45
CA GLY A 248 17.79 7.06 -22.46
C GLY A 248 17.00 7.08 -23.76
N TYR A 249 17.73 7.09 -24.88
CA TYR A 249 17.10 7.17 -26.19
C TYR A 249 16.72 5.80 -26.76
N SER A 250 15.78 5.14 -26.09
CA SER A 250 15.37 3.78 -26.47
C SER A 250 14.24 3.84 -27.51
N THR A 251 13.67 2.68 -27.82
CA THR A 251 12.52 2.61 -28.73
C THR A 251 11.46 1.66 -28.18
N TYR A 252 10.25 1.76 -28.72
CA TYR A 252 9.16 0.83 -28.41
C TYR A 252 9.61 -0.63 -28.51
N GLY A 253 10.30 -0.96 -29.59
CA GLY A 253 10.77 -2.32 -29.81
C GLY A 253 11.88 -2.73 -28.85
N THR A 254 12.92 -1.92 -28.74
CA THR A 254 14.13 -2.36 -28.03
C THR A 254 14.01 -2.27 -26.50
N SER A 255 13.14 -1.39 -26.01
CA SER A 255 13.01 -1.17 -24.58
C SER A 255 12.42 -2.35 -23.85
N GLY A 256 11.55 -3.09 -24.54
CA GLY A 256 10.69 -4.04 -23.83
C GLY A 256 9.23 -3.63 -23.79
N TYR A 257 8.95 -2.37 -24.12
CA TYR A 257 7.58 -1.83 -24.07
C TYR A 257 6.64 -2.62 -24.99
N ARG A 258 7.13 -3.01 -26.16
CA ARG A 258 6.29 -3.80 -27.09
C ARG A 258 5.87 -5.13 -26.47
N GLU A 259 6.83 -5.80 -25.85
CA GLU A 259 6.58 -7.10 -25.23
C GLU A 259 5.59 -6.94 -24.06
N ARG A 260 5.78 -5.92 -23.21
CA ARG A 260 4.88 -5.70 -22.06
C ARG A 260 3.48 -5.39 -22.56
N THR A 261 3.39 -4.63 -23.65
CA THR A 261 2.10 -4.22 -24.19
C THR A 261 1.33 -5.45 -24.69
N LYS A 262 2.02 -6.36 -25.39
CA LYS A 262 1.39 -7.60 -25.84
C LYS A 262 0.94 -8.47 -24.67
N GLU A 263 1.75 -8.54 -23.61
CA GLU A 263 1.39 -9.29 -22.40
C GLU A 263 0.08 -8.77 -21.77
N PHE A 264 -0.12 -7.45 -21.77
CA PHE A 264 -1.27 -6.87 -21.08
C PHE A 264 -2.52 -6.61 -21.94
N GLU A 265 -2.46 -6.94 -23.23
CA GLU A 265 -3.63 -6.76 -24.10
C GLU A 265 -4.78 -7.58 -23.53
N GLY A 266 -5.89 -6.92 -23.25
CA GLY A 266 -7.07 -7.62 -22.74
C GLY A 266 -7.03 -8.00 -21.27
N TYR A 267 -5.96 -7.64 -20.55
CA TYR A 267 -5.92 -7.78 -19.09
C TYR A 267 -7.18 -7.08 -18.53
N PRO A 268 -7.88 -7.73 -17.58
CA PRO A 268 -9.26 -7.32 -17.28
C PRO A 268 -9.47 -6.02 -16.50
N ILE A 269 -8.40 -5.45 -15.95
CA ILE A 269 -8.49 -4.24 -15.16
C ILE A 269 -7.54 -3.17 -15.73
N PRO A 270 -7.79 -1.89 -15.41
CA PRO A 270 -6.89 -0.87 -15.96
C PRO A 270 -5.46 -1.07 -15.50
N VAL A 271 -4.52 -0.80 -16.40
CA VAL A 271 -3.08 -0.95 -16.14
C VAL A 271 -2.37 0.31 -16.59
N PHE A 272 -1.32 0.67 -15.85
CA PHE A 272 -0.59 1.91 -16.13
C PHE A 272 0.77 1.80 -15.49
N PHE A 273 1.67 2.71 -15.84
CA PHE A 273 3.00 2.70 -15.18
C PHE A 273 2.86 3.56 -13.92
N SER A 274 2.91 2.92 -12.74
CA SER A 274 2.87 3.64 -11.48
C SER A 274 4.10 4.50 -11.23
N GLU A 275 5.21 4.14 -11.88
CA GLU A 275 6.47 4.91 -11.92
C GLU A 275 7.11 4.67 -13.28
N PHE A 276 7.78 5.70 -13.80
CA PHE A 276 8.73 5.52 -14.91
C PHE A 276 9.79 6.62 -14.90
N GLY A 277 10.90 6.38 -15.59
CA GLY A 277 11.97 7.40 -15.70
C GLY A 277 13.34 6.89 -15.28
N CYS A 278 13.79 5.84 -15.96
CA CYS A 278 15.12 5.27 -15.73
C CYS A 278 16.16 6.37 -15.70
N ASN A 279 17.06 6.34 -14.71
CA ASN A 279 18.03 7.42 -14.51
C ASN A 279 19.49 6.98 -14.70
N LEU A 280 19.72 5.93 -15.49
CA LEU A 280 21.10 5.47 -15.70
C LEU A 280 22.00 6.59 -16.22
N VAL A 281 21.46 7.38 -17.14
CA VAL A 281 22.16 8.55 -17.67
C VAL A 281 21.20 9.74 -17.52
N ARG A 282 21.72 10.85 -17.03
CA ARG A 282 20.93 12.08 -16.90
C ARG A 282 21.70 13.20 -17.61
N PRO A 283 20.98 14.21 -18.14
CA PRO A 283 19.52 14.34 -18.11
C PRO A 283 18.75 13.24 -18.83
N ARG A 284 17.59 12.89 -18.28
CA ARG A 284 16.69 11.92 -18.89
C ARG A 284 15.89 12.56 -20.03
N PRO A 285 15.91 11.94 -21.22
CA PRO A 285 15.13 12.47 -22.33
C PRO A 285 13.62 12.33 -22.14
N PHE A 286 13.17 11.32 -21.40
CA PHE A 286 11.73 11.00 -21.26
C PHE A 286 11.03 10.69 -22.60
N THR A 287 11.78 10.14 -23.55
CA THR A 287 11.18 9.82 -24.87
C THR A 287 10.17 8.67 -24.77
N GLU A 288 10.22 7.92 -23.65
CA GLU A 288 9.23 6.86 -23.40
C GLU A 288 7.82 7.41 -23.39
N VAL A 289 7.66 8.70 -23.07
CA VAL A 289 6.33 9.33 -23.01
C VAL A 289 5.69 9.28 -24.40
N SER A 290 6.47 9.51 -25.44
CA SER A 290 5.94 9.45 -26.80
C SER A 290 5.34 8.08 -27.15
N ALA A 291 5.98 7.01 -26.68
CA ALA A 291 5.50 5.65 -26.89
C ALA A 291 4.24 5.40 -26.06
N LEU A 292 4.30 5.74 -24.77
CA LEU A 292 3.23 5.47 -23.84
C LEU A 292 1.87 6.02 -24.29
N TYR A 293 1.88 7.23 -24.87
CA TYR A 293 0.61 7.90 -25.24
C TYR A 293 0.35 7.77 -26.73
N GLY A 294 1.25 7.08 -27.43
CA GLY A 294 1.12 6.78 -28.86
C GLY A 294 0.03 5.75 -29.12
N ASN A 295 -0.35 5.60 -30.38
CA ASN A 295 -1.56 4.81 -30.69
C ASN A 295 -1.51 3.35 -30.25
N LYS A 296 -0.36 2.72 -30.42
CA LYS A 296 -0.19 1.32 -30.01
C LYS A 296 -0.37 1.11 -28.49
N MET A 297 0.29 1.95 -27.69
CA MET A 297 0.21 1.76 -26.24
C MET A 297 -1.03 2.33 -25.61
N SER A 298 -1.64 3.35 -26.22
CA SER A 298 -2.80 3.99 -25.58
C SER A 298 -4.06 3.11 -25.59
N SER A 299 -4.06 2.07 -26.42
CA SER A 299 -5.18 1.14 -26.45
C SER A 299 -5.11 0.11 -25.31
N VAL A 300 -3.93 -0.03 -24.70
CA VAL A 300 -3.72 -0.97 -23.60
C VAL A 300 -3.50 -0.29 -22.26
N TRP A 301 -2.60 0.68 -22.22
CA TRP A 301 -2.20 1.36 -20.99
C TRP A 301 -3.01 2.63 -20.76
N SER A 302 -3.29 2.89 -19.48
CA SER A 302 -4.01 4.06 -19.03
C SER A 302 -3.07 5.20 -18.63
N GLY A 303 -1.88 5.23 -19.20
CA GLY A 303 -0.93 6.29 -18.92
C GLY A 303 0.10 5.87 -17.90
N GLY A 304 0.61 6.85 -17.17
CA GLY A 304 1.67 6.57 -16.19
C GLY A 304 2.08 7.81 -15.44
N LEU A 305 2.88 7.61 -14.38
CA LEU A 305 3.38 8.69 -13.53
C LEU A 305 4.91 8.65 -13.51
N ALA A 306 5.55 9.76 -13.87
CA ALA A 306 7.00 9.89 -13.80
C ALA A 306 7.45 9.83 -12.35
N TYR A 307 8.65 9.31 -12.12
CA TYR A 307 9.23 9.28 -10.79
C TYR A 307 10.54 10.09 -10.91
N MET A 308 10.67 11.23 -10.19
CA MET A 308 9.71 11.81 -9.25
C MET A 308 9.87 13.33 -9.24
N TYR A 309 9.01 14.04 -8.51
CA TYR A 309 9.11 15.51 -8.48
C TYR A 309 10.37 16.01 -7.78
N PHE A 310 10.59 15.58 -6.54
CA PHE A 310 11.73 16.08 -5.76
C PHE A 310 13.06 15.39 -6.04
N GLU A 311 14.12 16.21 -6.16
CA GLU A 311 15.49 15.71 -6.26
C GLU A 311 15.97 15.39 -4.85
N GLU A 312 16.22 14.11 -4.60
CA GLU A 312 16.77 13.62 -3.33
C GLU A 312 17.99 12.74 -3.62
N GLU A 313 18.44 11.97 -2.61
CA GLU A 313 19.69 11.22 -2.76
C GLU A 313 19.66 10.22 -3.94
N ASN A 314 18.47 9.72 -4.27
CA ASN A 314 18.33 8.73 -5.35
C ASN A 314 18.37 9.30 -6.76
N GLU A 315 18.48 10.62 -6.89
CA GLU A 315 18.71 11.27 -8.19
C GLU A 315 17.64 10.95 -9.24
N TYR A 316 16.37 11.16 -8.86
CA TYR A 316 15.26 10.95 -9.78
C TYR A 316 14.40 12.20 -9.94
N GLY A 317 14.86 13.33 -9.41
CA GLY A 317 13.99 14.52 -9.37
C GLY A 317 13.88 15.32 -10.65
N VAL A 318 12.84 16.16 -10.74
CA VAL A 318 12.77 17.19 -11.79
C VAL A 318 12.94 18.62 -11.24
N VAL A 319 12.76 18.78 -9.93
CA VAL A 319 13.16 20.03 -9.26
C VAL A 319 14.02 19.77 -8.00
N LYS A 320 14.82 20.75 -7.63
CA LYS A 320 15.57 20.72 -6.38
C LYS A 320 15.05 21.81 -5.48
N ILE A 321 14.68 21.46 -4.25
CA ILE A 321 14.32 22.48 -3.26
C ILE A 321 15.61 22.98 -2.62
N ASN A 322 15.83 24.28 -2.69
CA ASN A 322 17.05 24.86 -2.12
C ASN A 322 16.98 25.04 -0.59
N ASP A 323 18.08 25.50 0.01
CA ASP A 323 18.17 25.58 1.47
C ASP A 323 17.16 26.56 2.07
N ASN A 324 16.74 27.54 1.26
CA ASN A 324 15.70 28.47 1.66
C ASN A 324 14.27 28.06 1.27
N ASP A 325 14.13 26.83 0.76
CA ASP A 325 12.82 26.22 0.46
C ASP A 325 12.17 26.67 -0.85
N GLY A 326 12.98 27.24 -1.75
CA GLY A 326 12.54 27.63 -3.10
C GLY A 326 12.74 26.52 -4.13
N VAL A 327 11.99 26.58 -5.22
CA VAL A 327 12.04 25.54 -6.26
C VAL A 327 13.02 25.91 -7.36
N ASP A 328 14.02 25.07 -7.57
CA ASP A 328 14.92 25.22 -8.70
C ASP A 328 14.66 24.12 -9.73
N ILE A 329 14.24 24.52 -10.92
CA ILE A 329 13.91 23.59 -12.00
C ILE A 329 15.19 22.94 -12.57
N LEU A 330 15.18 21.62 -12.73
CA LEU A 330 16.33 20.86 -13.24
C LEU A 330 16.16 20.50 -14.71
N PRO A 331 17.25 20.11 -15.39
CA PRO A 331 17.14 19.74 -16.80
C PRO A 331 16.08 18.70 -17.13
N ASP A 332 15.88 17.73 -16.25
CA ASP A 332 14.88 16.70 -16.50
C ASP A 332 13.47 17.30 -16.65
N PHE A 333 13.22 18.43 -15.97
CA PHE A 333 11.88 19.05 -15.93
C PHE A 333 11.48 19.49 -17.33
N LYS A 334 12.41 20.17 -18.00
CA LYS A 334 12.12 20.71 -19.33
C LYS A 334 11.85 19.58 -20.34
N ASN A 335 12.60 18.49 -20.21
CA ASN A 335 12.38 17.33 -21.09
C ASN A 335 11.04 16.67 -20.88
N LEU A 336 10.67 16.45 -19.62
CA LEU A 336 9.38 15.84 -19.32
C LEU A 336 8.22 16.76 -19.75
N LYS A 337 8.37 18.06 -19.48
CA LYS A 337 7.35 19.06 -19.83
C LYS A 337 7.09 19.02 -21.34
N LYS A 338 8.16 19.04 -22.12
CA LYS A 338 8.01 19.01 -23.60
C LYS A 338 7.32 17.74 -24.09
N GLU A 339 7.67 16.60 -23.50
CA GLU A 339 7.05 15.33 -23.86
C GLU A 339 5.57 15.26 -23.48
N PHE A 340 5.24 15.65 -22.25
CA PHE A 340 3.82 15.68 -21.85
C PHE A 340 3.03 16.63 -22.77
N ALA A 341 3.65 17.73 -23.17
CA ALA A 341 2.94 18.77 -23.93
C ALA A 341 2.43 18.27 -25.28
N LYS A 342 3.13 17.31 -25.87
CA LYS A 342 2.76 16.77 -27.17
C LYS A 342 2.11 15.38 -27.09
N ALA A 343 1.96 14.86 -25.89
CA ALA A 343 1.29 13.58 -25.71
C ALA A 343 -0.21 13.81 -25.79
N ASP A 344 -0.83 13.13 -26.74
CA ASP A 344 -2.25 13.34 -27.01
C ASP A 344 -2.90 11.96 -27.17
N PRO A 345 -3.08 11.21 -26.07
CA PRO A 345 -3.57 9.85 -26.24
C PRO A 345 -4.96 9.81 -26.84
N LYS A 346 -5.15 8.88 -27.78
CA LYS A 346 -6.44 8.69 -28.42
C LYS A 346 -7.20 7.70 -27.56
N GLY A 347 -8.28 8.16 -26.97
CA GLY A 347 -9.09 7.29 -26.16
C GLY A 347 -10.36 6.94 -26.89
N ILE A 348 -11.22 6.20 -26.21
CA ILE A 348 -12.55 5.95 -26.70
C ILE A 348 -13.54 6.23 -25.58
N THR A 349 -14.77 6.56 -25.94
CA THR A 349 -15.77 6.86 -24.94
C THR A 349 -16.28 5.59 -24.28
N GLU A 350 -16.93 5.76 -23.12
CA GLU A 350 -17.52 4.63 -22.41
C GLU A 350 -18.51 3.92 -23.34
N GLU A 351 -19.33 4.71 -24.03
CA GLU A 351 -20.30 4.16 -24.96
C GLU A 351 -19.62 3.30 -26.03
N GLU A 352 -18.55 3.81 -26.64
CA GLU A 352 -17.86 3.04 -27.68
C GLU A 352 -17.23 1.77 -27.09
N TYR A 353 -16.60 1.93 -25.93
CA TYR A 353 -15.96 0.81 -25.24
C TYR A 353 -16.96 -0.32 -24.93
N LEU A 354 -18.15 0.06 -24.44
CA LEU A 354 -19.15 -0.94 -24.04
C LEU A 354 -19.89 -1.60 -25.19
N THR A 355 -19.76 -1.04 -26.39
CA THR A 355 -20.44 -1.59 -27.57
C THR A 355 -19.95 -3.00 -27.84
N ALA A 356 -20.92 -3.94 -27.91
CA ALA A 356 -20.71 -5.39 -28.04
C ALA A 356 -19.89 -6.10 -26.95
N LYS A 357 -19.77 -5.48 -25.77
CA LYS A 357 -18.94 -6.04 -24.69
C LYS A 357 -19.58 -5.89 -23.30
N GLU A 358 -19.51 -6.96 -22.50
CA GLU A 358 -19.99 -6.94 -21.12
C GLU A 358 -18.87 -7.31 -20.15
N PRO A 359 -18.27 -6.30 -19.47
CA PRO A 359 -17.06 -6.52 -18.67
C PRO A 359 -17.35 -7.23 -17.35
N SER A 364 -13.76 -16.19 -14.78
CA SER A 364 -12.98 -16.29 -13.55
C SER A 364 -11.58 -16.83 -13.81
N VAL A 365 -10.57 -16.04 -13.44
CA VAL A 365 -9.18 -16.31 -13.82
C VAL A 365 -8.56 -17.31 -12.85
N GLU A 366 -7.93 -18.36 -13.39
CA GLU A 366 -7.30 -19.37 -12.54
C GLU A 366 -6.05 -18.79 -11.87
N CYS A 367 -5.87 -19.08 -10.58
CA CYS A 367 -4.67 -18.61 -9.89
C CYS A 367 -3.46 -19.45 -10.32
N PRO A 368 -2.27 -18.83 -10.37
CA PRO A 368 -1.08 -19.61 -10.77
C PRO A 368 -0.81 -20.79 -9.85
N HIS A 369 -0.42 -21.92 -10.43
CA HIS A 369 -0.11 -23.11 -9.66
C HIS A 369 1.11 -22.87 -8.76
N ILE A 370 1.15 -23.61 -7.66
CA ILE A 370 2.24 -23.49 -6.70
C ILE A 370 3.46 -24.28 -7.23
N ALA A 371 4.63 -23.66 -7.17
CA ALA A 371 5.87 -24.35 -7.51
C ALA A 371 6.91 -23.90 -6.48
N VAL A 372 7.36 -24.86 -5.68
CA VAL A 372 8.22 -24.54 -4.55
C VAL A 372 9.45 -23.77 -5.01
N GLY A 373 9.76 -22.68 -4.31
CA GLY A 373 10.87 -21.83 -4.69
C GLY A 373 10.66 -20.89 -5.86
N VAL A 374 9.47 -20.90 -6.47
CA VAL A 374 9.23 -20.09 -7.67
C VAL A 374 7.94 -19.27 -7.51
N TRP A 375 6.88 -19.94 -7.11
CA TRP A 375 5.61 -19.26 -6.91
C TRP A 375 4.89 -19.93 -5.76
N GLU A 376 4.68 -19.18 -4.67
CA GLU A 376 4.24 -19.75 -3.40
C GLU A 376 3.15 -18.88 -2.79
N ALA A 377 2.29 -18.28 -3.64
CA ALA A 377 1.17 -17.49 -3.13
C ALA A 377 -0.11 -18.34 -3.15
N ASN A 378 -0.55 -18.80 -1.98
CA ASN A 378 -1.75 -19.61 -1.95
C ASN A 378 -2.99 -18.81 -2.33
N GLU A 379 -3.95 -19.47 -2.98
CA GLU A 379 -5.25 -18.84 -3.27
C GLU A 379 -6.02 -18.55 -1.99
N LYS A 380 -5.80 -19.36 -0.94
CA LYS A 380 -6.46 -19.18 0.34
C LYS A 380 -5.86 -18.01 1.12
N LEU A 381 -6.67 -16.99 1.33
CA LEU A 381 -6.22 -15.74 1.96
C LEU A 381 -6.48 -15.72 3.48
N PRO A 382 -5.69 -14.90 4.24
CA PRO A 382 -5.99 -14.72 5.66
C PRO A 382 -7.32 -13.98 5.79
N GLU A 383 -7.99 -14.16 6.92
CA GLU A 383 -9.30 -13.55 7.17
C GLU A 383 -9.19 -12.07 7.58
N THR A 384 -10.33 -11.39 7.61
CA THR A 384 -10.35 -9.99 8.06
C THR A 384 -9.90 -9.94 9.52
N PRO A 385 -8.91 -9.07 9.84
CA PRO A 385 -8.46 -8.99 11.23
C PRO A 385 -9.59 -8.62 12.18
N ASP A 386 -9.56 -9.23 13.35
CA ASP A 386 -10.64 -9.13 14.33
C ASP A 386 -10.16 -8.27 15.52
N ARG A 387 -10.50 -6.99 15.49
CA ARG A 387 -10.02 -6.04 16.51
C ARG A 387 -10.50 -6.41 17.91
N SER A 388 -11.77 -6.80 18.03
CA SER A 388 -12.33 -7.12 19.34
CA SER A 388 -12.33 -7.11 19.35
C SER A 388 -11.62 -8.29 20.01
N LYS A 389 -11.37 -9.36 19.24
CA LYS A 389 -10.67 -10.53 19.74
C LYS A 389 -9.27 -10.13 20.20
N CYS A 390 -8.56 -9.42 19.34
CA CYS A 390 -7.17 -9.07 19.64
C CYS A 390 -7.08 -8.11 20.84
N ALA A 391 -8.06 -7.20 20.95
CA ALA A 391 -8.10 -6.25 22.07
C ALA A 391 -8.18 -6.93 23.42
N CYS A 392 -8.83 -8.08 23.46
CA CYS A 392 -8.91 -8.84 24.71
C CYS A 392 -7.53 -9.19 25.27
N LEU A 393 -6.57 -9.46 24.40
CA LEU A 393 -5.19 -9.74 24.80
C LEU A 393 -4.57 -8.57 25.58
N ASP A 394 -4.86 -7.35 25.13
CA ASP A 394 -4.36 -6.15 25.84
C ASP A 394 -4.82 -6.15 27.29
N GLU A 395 -6.00 -6.71 27.55
CA GLU A 395 -6.63 -6.63 28.86
C GLU A 395 -6.16 -7.75 29.79
N ILE A 396 -6.00 -8.96 29.24
CA ILE A 396 -5.91 -10.16 30.06
C ILE A 396 -4.50 -10.71 30.26
N LEU A 397 -3.58 -10.39 29.34
CA LEU A 397 -2.25 -11.01 29.42
C LEU A 397 -1.38 -10.43 30.54
N PRO A 398 -0.63 -11.30 31.24
CA PRO A 398 0.24 -10.82 32.33
C PRO A 398 1.46 -10.02 31.86
N CYS A 399 2.02 -10.38 30.71
CA CYS A 399 3.21 -9.72 30.18
C CYS A 399 2.92 -9.08 28.85
N GLU A 400 3.25 -7.79 28.74
CA GLU A 400 2.96 -7.07 27.49
C GLU A 400 4.12 -6.23 27.01
N ILE A 401 4.13 -5.98 25.70
CA ILE A 401 5.06 -4.98 25.14
C ILE A 401 4.24 -3.83 24.58
N VAL A 402 4.56 -2.62 25.06
CA VAL A 402 3.88 -1.39 24.62
C VAL A 402 4.25 -1.07 23.18
N PRO A 403 3.25 -0.88 22.31
CA PRO A 403 3.59 -0.51 20.94
C PRO A 403 4.36 0.80 20.77
N PHE A 404 3.97 1.86 21.50
CA PHE A 404 4.57 3.16 21.19
C PHE A 404 6.08 3.20 21.36
N GLY A 405 6.77 3.57 20.28
CA GLY A 405 8.21 3.76 20.35
C GLY A 405 9.04 2.50 20.45
N ALA A 406 8.39 1.33 20.29
CA ALA A 406 9.11 0.07 20.42
C ALA A 406 10.13 -0.08 19.31
N GLU A 407 11.25 -0.71 19.68
CA GLU A 407 12.34 -0.96 18.73
C GLU A 407 12.03 -2.20 17.91
N SER A 408 11.22 -2.01 16.88
CA SER A 408 10.80 -3.08 15.97
C SER A 408 11.98 -3.80 15.30
N GLY A 409 13.15 -3.15 15.25
CA GLY A 409 14.36 -3.79 14.73
C GLY A 409 14.79 -5.04 15.47
N LYS A 410 14.34 -5.17 16.72
CA LYS A 410 14.72 -6.31 17.57
C LYS A 410 13.71 -7.45 17.51
N TYR A 411 12.60 -7.23 16.81
CA TYR A 411 11.51 -8.21 16.84
C TYR A 411 11.86 -9.61 16.30
N GLU A 412 12.63 -9.67 15.20
CA GLU A 412 13.08 -10.97 14.69
C GLU A 412 13.83 -11.74 15.77
N GLU A 413 14.70 -11.03 16.47
CA GLU A 413 15.50 -11.61 17.57
C GLU A 413 14.54 -12.09 18.68
N TYR A 414 13.55 -11.26 19.00
CA TYR A 414 12.62 -11.62 20.08
C TYR A 414 11.76 -12.82 19.74
N PHE A 415 11.21 -12.85 18.52
CA PHE A 415 10.46 -14.06 18.09
C PHE A 415 11.32 -15.34 18.01
N SER A 416 12.54 -15.24 17.47
CA SER A 416 13.41 -16.42 17.46
C SER A 416 13.62 -17.00 18.85
N TYR A 417 13.84 -16.12 19.83
CA TYR A 417 13.99 -16.50 21.23
C TYR A 417 12.70 -17.10 21.79
N LEU A 418 11.62 -16.31 21.78
CA LEU A 418 10.36 -16.76 22.37
C LEU A 418 9.85 -18.06 21.75
N CYS A 419 9.93 -18.13 20.42
CA CYS A 419 9.41 -19.30 19.72
C CYS A 419 10.27 -20.56 19.86
N SER A 420 11.46 -20.41 20.47
CA SER A 420 12.30 -21.56 20.78
C SER A 420 11.94 -22.15 22.16
N LYS A 421 11.10 -21.43 22.90
CA LYS A 421 10.75 -21.79 24.29
C LYS A 421 9.28 -22.13 24.49
N VAL A 422 8.43 -21.53 23.65
CA VAL A 422 6.99 -21.82 23.63
C VAL A 422 6.55 -22.06 22.19
N ASP A 423 5.33 -22.56 22.02
CA ASP A 423 4.87 -22.95 20.69
C ASP A 423 4.15 -21.81 20.00
N CYS A 424 4.79 -21.26 18.99
CA CYS A 424 4.25 -20.08 18.30
C CYS A 424 3.25 -20.40 17.20
N SER A 425 2.72 -21.62 17.16
CA SER A 425 1.80 -21.97 16.08
C SER A 425 0.55 -21.07 16.06
N ASP A 426 0.15 -20.58 17.24
CA ASP A 426 -1.04 -19.71 17.35
C ASP A 426 -0.90 -18.33 16.73
N ILE A 427 0.31 -17.94 16.36
CA ILE A 427 0.53 -16.67 15.65
C ILE A 427 1.12 -16.86 14.25
N LEU A 428 1.32 -18.11 13.82
CA LEU A 428 1.97 -18.32 12.51
C LEU A 428 1.02 -17.98 11.36
N ALA A 429 1.56 -17.34 10.33
CA ALA A 429 0.78 -16.98 9.16
C ALA A 429 1.62 -17.49 8.02
N ASN A 430 1.10 -18.46 7.27
CA ASN A 430 1.83 -19.07 6.19
C ASN A 430 1.06 -18.89 4.89
N GLY A 431 1.49 -17.90 4.11
CA GLY A 431 0.86 -17.59 2.82
C GLY A 431 1.16 -18.61 1.74
N LYS A 432 2.15 -19.49 1.99
CA LYS A 432 2.51 -20.60 1.09
C LYS A 432 1.41 -21.65 1.13
N THR A 433 1.02 -22.02 2.35
CA THR A 433 0.10 -23.12 2.58
C THR A 433 -1.31 -22.68 2.94
N GLY A 434 -1.52 -21.38 3.16
CA GLY A 434 -2.83 -20.90 3.53
C GLY A 434 -3.22 -21.34 4.91
N GLU A 435 -2.24 -21.38 5.81
CA GLU A 435 -2.48 -21.76 7.20
C GLU A 435 -2.25 -20.58 8.12
N TYR A 436 -3.29 -20.20 8.86
CA TYR A 436 -3.25 -18.98 9.70
C TYR A 436 -3.70 -19.31 11.10
N GLY A 437 -2.82 -19.05 12.08
CA GLY A 437 -3.13 -19.35 13.48
C GLY A 437 -4.21 -18.45 14.07
N GLU A 438 -4.76 -18.90 15.20
CA GLU A 438 -5.87 -18.22 15.88
C GLU A 438 -5.61 -16.74 16.18
N PHE A 439 -4.37 -16.40 16.49
CA PHE A 439 -4.03 -15.00 16.79
C PHE A 439 -3.11 -14.37 15.77
N SER A 440 -3.06 -14.95 14.56
CA SER A 440 -2.18 -14.45 13.49
C SER A 440 -2.56 -13.06 12.94
N ASP A 441 -3.78 -12.62 13.27
CA ASP A 441 -4.29 -11.32 12.80
C ASP A 441 -4.08 -10.21 13.83
N CYS A 442 -3.53 -10.56 14.99
CA CYS A 442 -3.30 -9.53 16.00
C CYS A 442 -2.04 -8.72 15.71
N SER A 443 -1.84 -7.60 16.40
CA SER A 443 -0.66 -6.76 16.09
C SER A 443 0.62 -7.49 16.45
N VAL A 444 1.74 -7.01 15.91
CA VAL A 444 3.01 -7.66 16.25
C VAL A 444 3.25 -7.63 17.76
N GLU A 445 2.94 -6.52 18.42
CA GLU A 445 3.13 -6.41 19.88
C GLU A 445 2.19 -7.32 20.66
N GLN A 446 0.95 -7.48 20.18
CA GLN A 446 0.03 -8.44 20.78
C GLN A 446 0.54 -9.85 20.67
N LYS A 447 1.10 -10.19 19.51
CA LYS A 447 1.72 -11.50 19.28
C LYS A 447 2.92 -11.74 20.21
N LEU A 448 3.78 -10.73 20.31
CA LEU A 448 4.92 -10.81 21.25
C LEU A 448 4.44 -10.99 22.68
N SER A 449 3.42 -10.20 23.06
CA SER A 449 2.87 -10.27 24.42
C SER A 449 2.30 -11.65 24.72
N LEU A 450 1.61 -12.24 23.74
CA LEU A 450 1.07 -13.60 23.93
C LEU A 450 2.19 -14.61 24.20
N GLN A 451 3.26 -14.58 23.39
CA GLN A 451 4.31 -15.58 23.60
C GLN A 451 5.11 -15.30 24.86
N LEU A 452 5.32 -14.03 25.15
CA LEU A 452 6.03 -13.64 26.37
C LEU A 452 5.24 -14.09 27.63
N SER A 453 3.92 -13.91 27.58
CA SER A 453 3.05 -14.35 28.66
C SER A 453 3.04 -15.87 28.84
N LYS A 454 2.97 -16.59 27.71
CA LYS A 454 3.12 -18.05 27.75
C LYS A 454 4.42 -18.47 28.47
N LEU A 455 5.51 -17.79 28.12
CA LEU A 455 6.81 -18.13 28.72
C LEU A 455 6.83 -17.79 30.20
N TYR A 456 6.33 -16.61 30.55
CA TYR A 456 6.22 -16.25 31.96
C TYR A 456 5.48 -17.31 32.78
N CYS A 457 4.35 -17.79 32.25
CA CYS A 457 3.54 -18.81 32.93
C CYS A 457 4.22 -20.19 32.98
N LYS A 458 4.93 -20.53 31.90
CA LYS A 458 5.70 -21.78 31.84
C LYS A 458 6.79 -21.81 32.91
N ILE A 459 7.59 -20.73 32.99
CA ILE A 459 8.66 -20.63 33.99
C ILE A 459 8.06 -20.74 35.40
N GLY A 460 6.95 -20.05 35.61
CA GLY A 460 6.18 -20.15 36.85
C GLY A 460 6.82 -19.55 38.09
N ALA A 461 7.69 -18.55 37.93
CA ALA A 461 8.31 -17.88 39.08
C ALA A 461 7.33 -16.96 39.81
N ASN A 462 6.24 -16.57 39.14
CA ASN A 462 5.19 -15.77 39.79
C ASN A 462 5.72 -14.52 40.49
N ASP A 463 6.67 -13.84 39.84
CA ASP A 463 7.38 -12.72 40.46
C ASP A 463 7.26 -11.41 39.68
N ARG A 464 6.35 -11.41 38.70
CA ARG A 464 6.10 -10.26 37.83
C ARG A 464 7.31 -9.83 37.00
N HIS A 465 8.31 -10.69 36.89
CA HIS A 465 9.42 -10.42 35.99
C HIS A 465 9.16 -11.08 34.64
N CYS A 466 8.80 -10.26 33.66
CA CYS A 466 8.55 -10.76 32.31
C CYS A 466 9.89 -11.03 31.62
N PRO A 467 10.12 -12.28 31.16
CA PRO A 467 11.45 -12.69 30.67
C PRO A 467 11.79 -12.21 29.26
N LEU A 468 11.85 -10.90 29.10
CA LEU A 468 12.31 -10.28 27.86
C LEU A 468 12.90 -8.91 28.21
N ASN A 469 14.14 -8.66 27.79
CA ASN A 469 14.83 -7.42 28.13
C ASN A 469 14.55 -6.38 27.07
N ASP A 470 13.51 -5.59 27.28
CA ASP A 470 13.22 -4.49 26.39
C ASP A 470 12.50 -3.49 27.22
N LYS A 471 12.81 -2.22 26.99
CA LYS A 471 12.27 -1.14 27.80
C LYS A 471 10.75 -1.08 27.66
N ASN A 472 10.20 -1.69 26.60
CA ASN A 472 8.75 -1.60 26.36
C ASN A 472 7.94 -2.73 27.01
N VAL A 473 8.63 -3.63 27.69
CA VAL A 473 7.99 -4.78 28.34
C VAL A 473 7.56 -4.38 29.74
N TYR A 474 6.38 -4.83 30.14
CA TYR A 474 5.91 -4.58 31.50
C TYR A 474 4.95 -5.68 31.93
N PHE A 475 4.81 -5.86 33.24
CA PHE A 475 3.77 -6.71 33.82
C PHE A 475 2.47 -5.92 33.93
N ASN A 476 1.41 -6.51 33.39
CA ASN A 476 0.11 -5.85 33.25
C ASN A 476 -0.76 -6.14 34.46
N LEU A 477 -0.92 -5.16 35.36
CA LEU A 477 -1.68 -5.39 36.58
C LEU A 477 -3.17 -5.67 36.32
N GLU A 478 -3.68 -5.19 35.18
CA GLU A 478 -5.07 -5.45 34.78
C GLU A 478 -5.32 -6.97 34.64
N SER A 479 -4.25 -7.74 34.41
CA SER A 479 -4.35 -9.20 34.26
C SER A 479 -4.78 -9.89 35.57
N LEU A 480 -4.70 -9.17 36.68
CA LEU A 480 -5.01 -9.72 37.99
C LEU A 480 -6.49 -9.50 38.31
N GLN A 481 -7.18 -8.72 37.47
CA GLN A 481 -8.59 -8.41 37.68
C GLN A 481 -9.45 -9.50 37.05
N PRO A 482 -10.34 -10.16 37.84
CA PRO A 482 -11.14 -11.23 37.26
C PRO A 482 -12.17 -10.66 36.28
N LEU A 483 -12.45 -11.39 35.20
CA LEU A 483 -13.47 -10.94 34.26
C LEU A 483 -14.84 -11.11 34.91
N THR A 484 -15.66 -10.06 34.83
CA THR A 484 -16.97 -10.08 35.48
C THR A 484 -18.01 -10.74 34.59
N SER A 485 -19.16 -11.02 35.18
CA SER A 485 -20.35 -11.42 34.43
C SER A 485 -21.02 -10.17 33.86
N GLU A 486 -21.06 -10.06 32.53
CA GLU A 486 -20.45 -11.04 31.64
C GLU A 486 -19.56 -10.38 30.59
N SER A 487 -18.25 -10.39 30.87
CA SER A 487 -17.24 -9.75 30.04
C SER A 487 -17.29 -10.20 28.58
N ILE A 488 -17.05 -9.26 27.66
CA ILE A 488 -16.98 -9.62 26.24
C ILE A 488 -15.65 -10.29 25.87
N CYS A 489 -14.80 -10.52 26.87
CA CYS A 489 -13.51 -11.19 26.63
C CYS A 489 -13.44 -12.61 27.19
N LYS A 490 -14.58 -13.16 27.62
CA LYS A 490 -14.63 -14.52 28.21
C LYS A 490 -14.09 -15.62 27.26
N ASN A 491 -14.48 -15.57 25.99
CA ASN A 491 -14.01 -16.59 25.03
C ASN A 491 -12.50 -16.53 24.77
N VAL A 492 -11.97 -15.31 24.60
CA VAL A 492 -10.53 -15.17 24.40
C VAL A 492 -9.79 -15.61 25.66
N PHE A 493 -10.32 -15.26 26.82
CA PHE A 493 -9.76 -15.71 28.08
C PHE A 493 -9.70 -17.25 28.15
N ASP A 494 -10.79 -17.92 27.74
CA ASP A 494 -10.83 -19.37 27.72
CA ASP A 494 -10.83 -19.37 27.71
C ASP A 494 -9.73 -19.94 26.81
N SER A 495 -9.57 -19.34 25.64
CA SER A 495 -8.53 -19.71 24.69
C SER A 495 -7.14 -19.54 25.32
N ILE A 496 -6.89 -18.39 25.93
CA ILE A 496 -5.58 -18.10 26.52
C ILE A 496 -5.27 -18.97 27.75
N ARG A 497 -6.30 -19.23 28.54
CA ARG A 497 -6.14 -20.11 29.69
C ARG A 497 -5.77 -21.51 29.18
N ASN A 498 -6.42 -21.97 28.11
CA ASN A 498 -6.12 -23.31 27.60
C ASN A 498 -4.70 -23.37 27.04
N ILE A 499 -4.30 -22.29 26.36
CA ILE A 499 -2.99 -22.20 25.70
C ILE A 499 -1.84 -22.11 26.71
N THR A 500 -2.07 -21.37 27.80
CA THR A 500 -1.02 -21.16 28.81
C THR A 500 -0.90 -22.31 29.78
N TYR A 501 -2.03 -22.90 30.17
CA TYR A 501 -2.05 -23.99 31.12
C TYR A 501 -1.65 -25.32 30.46
N ASN A 502 -2.05 -25.53 29.21
CA ASN A 502 -1.79 -26.77 28.52
C ASN A 502 -0.77 -26.54 27.41
N HIS A 503 0.50 -26.43 27.82
CA HIS A 503 1.55 -26.00 26.89
C HIS A 503 2.43 -27.16 26.42
N GLY A 504 1.94 -28.38 26.62
CA GLY A 504 2.60 -29.58 26.11
C GLY A 504 3.61 -30.24 27.04
N ASP A 505 3.61 -29.82 28.31
CA ASP A 505 4.45 -30.45 29.31
C ASP A 505 3.65 -31.45 30.13
N TYR A 506 3.74 -32.71 29.74
CA TYR A 506 3.01 -33.77 30.40
C TYR A 506 3.80 -34.29 31.60
#